data_5ZA8
#
_entry.id   5ZA8
#
_cell.length_a   120.768
_cell.length_b   120.768
_cell.length_c   42.717
_cell.angle_alpha   90.00
_cell.angle_beta   90.00
_cell.angle_gamma   120.00
#
_symmetry.space_group_name_H-M   'H 3'
#
loop_
_entity.id
_entity.type
_entity.pdbx_description
1 polymer 'Urokinase-type plasminogen activator chain B'
2 non-polymer 3-azanyl-5-(azepan-1-yl)-N-carbamimidoyl-6-(1-methylpyrazol-4-yl)pyrazine-2-carboxamide
3 water water
#
_entity_poly.entity_id   1
_entity_poly.type   'polypeptide(L)'
_entity_poly.pdbx_seq_one_letter_code
;IIGGEFTTIENQPWFAAIYRRHRGGSVTYVCGGSLISPCWVISATHCFIDYPKKEDYIVYLGRSRLNSNTQGEMKFEVEN
LILHKDYSADTLAHHNDIALLKIRSKEGRCAQPSRTIQTIALPSMYNDPQFGTSCEITGFGKEQSTDYLYPEQLKMTVVK
LISHRECQQPHYYGSEVTTKMLCAADPQWKTDSCQGDSGGPLVCSLQGRMTLTGIVSWGRGCALKDKPGVYTRVSHFLPW
IRSHTKEENGLAL
;
_entity_poly.pdbx_strand_id   U
#
# COMPACT_ATOMS: atom_id res chain seq x y z
N ILE A 1 -2.22 3.20 10.45
CA ILE A 1 -1.03 2.67 11.14
C ILE A 1 -1.28 2.73 12.65
N ILE A 2 -1.28 1.56 13.28
CA ILE A 2 -1.40 1.42 14.73
C ILE A 2 -0.01 1.61 15.32
N GLY A 3 0.14 2.47 16.32
CA GLY A 3 1.45 2.75 16.90
C GLY A 3 2.36 3.46 15.89
N GLY A 4 3.65 3.13 15.93
CA GLY A 4 4.60 3.77 15.04
C GLY A 4 4.73 5.25 15.34
N GLU A 5 4.96 6.03 14.29
CA GLU A 5 5.31 7.44 14.48
C GLU A 5 4.77 8.28 13.34
N PHE A 6 4.48 9.55 13.62
CA PHE A 6 4.14 10.47 12.55
C PHE A 6 5.37 10.76 11.69
N THR A 7 5.10 11.08 10.43
CA THR A 7 6.16 11.31 9.46
C THR A 7 5.66 12.34 8.45
N THR A 8 6.50 12.62 7.46
CA THR A 8 6.13 13.47 6.34
C THR A 8 6.57 12.79 5.06
N ILE A 9 6.10 13.33 3.94
CA ILE A 9 6.31 12.68 2.64
C ILE A 9 7.79 12.53 2.26
N GLU A 10 8.66 13.40 2.78
CA GLU A 10 10.10 13.30 2.48
C GLU A 10 10.71 11.96 2.92
N ASN A 11 10.13 11.34 3.94
CA ASN A 11 10.57 10.02 4.42
C ASN A 11 9.96 8.82 3.69
N GLN A 12 9.05 9.08 2.77
CA GLN A 12 8.44 8.03 1.94
C GLN A 12 7.92 8.71 0.65
N PRO A 13 8.83 9.32 -0.13
CA PRO A 13 8.45 10.19 -1.27
C PRO A 13 7.78 9.51 -2.48
N TRP A 14 7.75 8.18 -2.47
CA TRP A 14 6.98 7.37 -3.44
C TRP A 14 5.53 7.13 -3.01
N PHE A 15 5.16 7.55 -1.80
CA PHE A 15 3.82 7.31 -1.29
C PHE A 15 2.77 8.12 -2.06
N ALA A 16 1.75 7.41 -2.54
CA ALA A 16 0.65 7.99 -3.28
C ALA A 16 -0.61 7.95 -2.44
N ALA A 17 -1.31 9.07 -2.38
CA ALA A 17 -2.57 9.21 -1.67
C ALA A 17 -3.72 9.19 -2.69
N ILE A 18 -4.58 8.17 -2.60
CA ILE A 18 -5.66 7.95 -3.57
C ILE A 18 -7.04 8.22 -2.96
N TYR A 19 -7.79 9.11 -3.62
CA TYR A 19 -9.10 9.55 -3.19
C TYR A 19 -10.14 9.25 -4.27
N ARG A 20 -11.40 9.30 -3.92
CA ARG A 20 -12.49 9.10 -4.88
C ARG A 20 -13.52 10.20 -4.81
N ARG A 21 -13.96 10.67 -5.95
CA ARG A 21 -15.01 11.67 -6.05
C ARG A 21 -16.38 11.06 -5.88
N HIS A 22 -17.30 11.81 -5.33
CA HIS A 22 -18.68 11.39 -5.20
C HIS A 22 -19.49 12.35 -6.11
N ARG A 23 -20.54 11.92 -6.79
CA ARG A 23 -21.89 11.93 -6.26
C ARG A 23 -22.23 13.22 -5.57
N GLY A 24 -22.05 14.35 -6.21
CA GLY A 24 -22.29 15.61 -5.54
C GLY A 24 -21.05 16.44 -5.26
N GLY A 25 -19.91 15.82 -5.45
CA GLY A 25 -18.65 16.51 -5.30
C GLY A 25 -17.72 16.33 -4.13
N SER A 26 -18.12 15.61 -3.09
CA SER A 26 -17.24 15.35 -1.96
C SER A 26 -16.19 14.32 -2.36
N VAL A 27 -14.98 14.53 -1.87
CA VAL A 27 -13.84 13.68 -2.14
C VAL A 27 -13.39 13.07 -0.81
N THR A 28 -13.24 11.76 -0.80
CA THR A 28 -12.91 11.01 0.41
C THR A 28 -11.69 10.14 0.12
N TYR A 29 -10.92 9.83 1.16
CA TYR A 29 -9.73 9.01 1.00
C TYR A 29 -10.11 7.55 0.77
N VAL A 30 -9.37 6.89 -0.11
CA VAL A 30 -9.60 5.49 -0.45
C VAL A 30 -8.49 4.61 0.12
N CYS A 31 -7.28 4.81 -0.37
CA CYS A 31 -6.17 3.90 -0.15
C CYS A 31 -4.83 4.56 -0.48
N GLY A 32 -3.75 3.93 -0.02
CA GLY A 32 -2.40 4.27 -0.42
C GLY A 32 -1.97 3.62 -1.72
N GLY A 33 -0.79 4.00 -2.18
CA GLY A 33 -0.14 3.42 -3.37
C GLY A 33 1.33 3.81 -3.36
N SER A 34 2.08 3.30 -4.33
CA SER A 34 3.50 3.60 -4.47
C SER A 34 3.84 3.95 -5.92
N LEU A 35 4.62 5.00 -6.10
CA LEU A 35 5.03 5.44 -7.42
C LEU A 35 6.22 4.58 -7.83
N ILE A 36 6.04 3.80 -8.89
CA ILE A 36 7.09 2.89 -9.39
C ILE A 36 7.75 3.41 -10.68
N SER A 37 7.13 4.39 -11.34
CA SER A 37 7.74 5.13 -12.44
C SER A 37 6.97 6.43 -12.56
N PRO A 38 7.44 7.40 -13.37
CA PRO A 38 6.75 8.68 -13.42
C PRO A 38 5.24 8.62 -13.70
N CYS A 39 4.80 7.69 -14.54
CA CYS A 39 3.39 7.60 -14.93
C CYS A 39 2.59 6.51 -14.22
N TRP A 40 3.22 5.72 -13.34
CA TRP A 40 2.59 4.53 -12.78
C TRP A 40 2.62 4.44 -11.27
N VAL A 41 1.44 4.26 -10.67
CA VAL A 41 1.28 3.98 -9.24
C VAL A 41 0.75 2.57 -9.06
N ILE A 42 1.28 1.86 -8.07
CA ILE A 42 0.85 0.50 -7.78
C ILE A 42 0.15 0.46 -6.43
N SER A 43 -0.91 -0.34 -6.34
CA SER A 43 -1.80 -0.33 -5.17
C SER A 43 -2.49 -1.69 -5.08
N ALA A 44 -3.64 -1.77 -4.41
CA ALA A 44 -4.37 -3.03 -4.22
C ALA A 44 -5.70 -2.98 -4.96
N THR A 45 -6.05 -4.06 -5.65
CA THR A 45 -7.35 -4.16 -6.37
C THR A 45 -8.56 -3.97 -5.45
N HIS A 46 -8.51 -4.45 -4.20
CA HIS A 46 -9.69 -4.37 -3.33
C HIS A 46 -10.12 -2.92 -3.03
N CYS A 47 -9.17 -1.99 -3.13
CA CYS A 47 -9.48 -0.57 -3.02
C CYS A 47 -10.48 -0.05 -4.06
N PHE A 48 -10.49 -0.64 -5.26
CA PHE A 48 -11.22 -0.10 -6.40
C PHE A 48 -12.36 -0.99 -6.89
N ILE A 49 -12.44 -2.22 -6.40
CA ILE A 49 -13.31 -3.24 -7.01
C ILE A 49 -14.81 -2.85 -6.96
N ASP A 50 -15.23 -2.18 -5.89
CA ASP A 50 -16.62 -1.72 -5.75
C ASP A 50 -16.98 -0.49 -6.58
N TYR A 51 -15.97 0.28 -7.02
CA TYR A 51 -16.18 1.41 -7.92
C TYR A 51 -15.08 1.41 -8.98
N PRO A 52 -15.15 0.47 -9.92
CA PRO A 52 -14.01 0.26 -10.85
C PRO A 52 -13.87 1.28 -12.00
N LYS A 53 -14.45 2.47 -11.86
CA LYS A 53 -14.42 3.49 -12.90
C LYS A 53 -13.29 4.49 -12.60
N LYS A 54 -12.31 4.55 -13.52
CA LYS A 54 -11.12 5.40 -13.36
C LYS A 54 -11.40 6.89 -13.17
N GLU A 55 -12.49 7.39 -13.75
CA GLU A 55 -12.86 8.82 -13.65
C GLU A 55 -13.28 9.23 -12.23
N ASP A 56 -13.60 8.25 -11.39
CA ASP A 56 -13.97 8.50 -10.02
C ASP A 56 -12.78 8.84 -9.10
N TYR A 57 -11.53 8.65 -9.54
CA TYR A 57 -10.37 8.71 -8.64
C TYR A 57 -9.41 9.86 -8.91
N ILE A 58 -8.75 10.28 -7.83
CA ILE A 58 -7.76 11.34 -7.84
C ILE A 58 -6.54 10.80 -7.07
N VAL A 59 -5.35 11.04 -7.61
CA VAL A 59 -4.10 10.60 -7.00
C VAL A 59 -3.24 11.82 -6.68
N TYR A 60 -2.79 11.93 -5.43
CA TYR A 60 -1.80 12.94 -5.05
C TYR A 60 -0.46 12.29 -4.78
N LEU A 61 0.59 12.98 -5.22
CA LEU A 61 1.97 12.68 -4.84
C LEU A 61 2.54 13.87 -4.05
N GLY A 62 3.53 13.62 -3.22
CA GLY A 62 4.11 14.67 -2.39
C GLY A 62 3.19 15.23 -1.32
N ARG A 63 2.26 14.41 -0.86
CA ARG A 63 1.25 14.84 0.12
C ARG A 63 1.52 14.22 1.50
N SER A 64 1.68 15.06 2.52
CA SER A 64 1.96 14.62 3.89
C SER A 64 0.73 14.66 4.80
N ARG A 65 -0.36 15.30 4.36
CA ARG A 65 -1.59 15.42 5.17
C ARG A 65 -2.85 15.05 4.40
N LEU A 66 -3.85 14.56 5.13
CA LEU A 66 -5.01 13.87 4.52
C LEU A 66 -5.98 14.84 3.83
N ASN A 67 -6.38 15.88 4.55
CA ASN A 67 -7.44 16.80 4.09
C ASN A 67 -6.98 18.25 3.97
N SER A 68 -5.66 18.45 3.89
CA SER A 68 -5.08 19.76 3.62
C SER A 68 -3.94 19.57 2.63
N ASN A 69 -3.63 20.63 1.89
CA ASN A 69 -2.62 20.55 0.85
C ASN A 69 -1.23 20.64 1.46
N THR A 70 -0.28 19.89 0.90
CA THR A 70 1.14 19.99 1.24
C THR A 70 1.83 20.78 0.15
N GLN A 71 2.72 21.68 0.54
CA GLN A 71 3.50 22.47 -0.40
C GLN A 71 4.31 21.55 -1.31
N GLY A 72 4.16 21.75 -2.63
CA GLY A 72 4.88 20.97 -3.63
C GLY A 72 4.15 19.73 -4.14
N GLU A 73 2.96 19.43 -3.62
CA GLU A 73 2.23 18.23 -4.03
C GLU A 73 1.80 18.32 -5.51
N MET A 74 1.55 17.17 -6.13
CA MET A 74 0.98 17.13 -7.49
C MET A 74 -0.28 16.27 -7.48
N LYS A 75 -1.28 16.70 -8.25
CA LYS A 75 -2.59 16.06 -8.33
C LYS A 75 -2.77 15.47 -9.72
N PHE A 76 -3.25 14.24 -9.76
CA PHE A 76 -3.45 13.52 -10.98
C PHE A 76 -4.76 12.82 -11.16
N GLU A 77 -5.21 12.81 -12.39
CA GLU A 77 -6.36 12.05 -12.80
C GLU A 77 -5.84 10.65 -13.16
N VAL A 78 -6.72 9.67 -13.25
CA VAL A 78 -6.30 8.34 -13.58
C VAL A 78 -6.59 8.01 -15.03
N GLU A 79 -5.54 7.97 -15.83
CA GLU A 79 -5.66 7.66 -17.25
C GLU A 79 -6.00 6.18 -17.48
N ASN A 80 -5.62 5.33 -16.54
CA ASN A 80 -5.77 3.90 -16.68
C ASN A 80 -5.89 3.24 -15.31
N LEU A 81 -6.92 2.42 -15.11
CA LEU A 81 -7.09 1.66 -13.88
C LEU A 81 -7.08 0.18 -14.24
N ILE A 82 -6.00 -0.50 -13.86
CA ILE A 82 -5.76 -1.90 -14.21
C ILE A 82 -5.85 -2.76 -12.94
N LEU A 83 -6.91 -3.57 -12.86
CA LEU A 83 -7.14 -4.47 -11.74
C LEU A 83 -6.73 -5.86 -12.16
N HIS A 84 -6.33 -6.69 -11.20
CA HIS A 84 -5.80 -8.03 -11.51
C HIS A 84 -6.96 -8.97 -11.84
N LYS A 85 -6.92 -9.52 -13.06
CA LYS A 85 -7.96 -10.45 -13.57
C LYS A 85 -8.29 -11.65 -12.66
N ASP A 86 -7.27 -12.18 -12.01
CA ASP A 86 -7.42 -13.29 -11.02
C ASP A 86 -7.68 -12.89 -9.57
N TYR A 87 -8.11 -11.65 -9.33
CA TYR A 87 -8.48 -11.22 -8.00
C TYR A 87 -9.63 -12.06 -7.46
N SER A 88 -9.63 -12.30 -6.15
CA SER A 88 -10.75 -12.95 -5.49
C SER A 88 -10.76 -12.56 -4.02
N ALA A 89 -11.95 -12.49 -3.45
CA ALA A 89 -12.11 -12.23 -2.03
C ALA A 89 -12.91 -13.35 -1.39
N ASP A 90 -12.29 -14.07 -0.45
CA ASP A 90 -13.03 -14.90 0.50
C ASP A 90 -13.39 -14.01 1.70
N THR A 91 -13.79 -14.60 2.83
CA THR A 91 -14.19 -13.83 4.02
C THR A 91 -13.14 -12.82 4.46
N LEU A 92 -11.90 -13.29 4.58
CA LEU A 92 -10.79 -12.49 5.10
C LEU A 92 -9.81 -12.12 3.98
N ALA A 93 -9.27 -13.13 3.31
CA ALA A 93 -8.13 -12.99 2.43
C ALA A 93 -8.52 -12.58 1.02
N HIS A 94 -7.69 -11.70 0.44
CA HIS A 94 -7.83 -11.24 -0.93
C HIS A 94 -6.67 -11.82 -1.72
N HIS A 95 -6.97 -12.57 -2.78
CA HIS A 95 -5.93 -13.14 -3.63
C HIS A 95 -5.66 -12.18 -4.78
N ASN A 96 -4.40 -12.14 -5.22
CA ASN A 96 -3.94 -11.26 -6.29
C ASN A 96 -4.37 -9.82 -6.08
N ASP A 97 -4.13 -9.32 -4.87
CA ASP A 97 -4.66 -8.02 -4.47
C ASP A 97 -3.67 -6.96 -4.91
N ILE A 98 -3.70 -6.68 -6.22
CA ILE A 98 -2.72 -5.81 -6.85
C ILE A 98 -3.36 -5.06 -8.01
N ALA A 99 -2.99 -3.80 -8.15
CA ALA A 99 -3.60 -2.89 -9.12
C ALA A 99 -2.60 -1.86 -9.58
N LEU A 100 -2.74 -1.42 -10.82
CA LEU A 100 -1.89 -0.38 -11.40
C LEU A 100 -2.75 0.79 -11.85
N LEU A 101 -2.33 2.00 -11.49
CA LEU A 101 -2.96 3.23 -11.91
C LEU A 101 -1.97 4.04 -12.75
N LYS A 102 -2.31 4.27 -14.02
CA LYS A 102 -1.54 5.21 -14.86
C LYS A 102 -2.05 6.60 -14.59
N ILE A 103 -1.15 7.49 -14.18
CA ILE A 103 -1.52 8.82 -13.72
C ILE A 103 -1.19 9.88 -14.78
N ARG A 104 -2.09 10.81 -14.96
CA ARG A 104 -1.90 11.92 -15.86
C ARG A 104 -2.59 13.18 -15.34
N SER A 105 -1.91 14.32 -15.38
CA SER A 105 -2.45 15.58 -14.88
C SER A 105 -3.38 16.24 -15.87
N LYS A 106 -4.09 17.27 -15.47
CA LYS A 106 -4.97 17.96 -16.38
C LYS A 106 -4.17 18.50 -17.55
N GLU A 107 -2.94 18.88 -17.29
CA GLU A 107 -1.97 19.33 -18.26
C GLU A 107 -1.35 18.18 -18.99
N GLY A 108 -1.75 16.95 -18.66
CA GLY A 108 -1.27 15.78 -19.35
C GLY A 108 0.11 15.30 -19.07
N ARG A 109 0.62 15.60 -17.90
CA ARG A 109 1.95 15.18 -17.56
C ARG A 109 1.98 14.14 -16.44
N CYS A 110 3.02 13.35 -16.42
CA CYS A 110 3.25 12.38 -15.40
C CYS A 110 3.93 13.07 -14.16
N ALA A 111 4.44 12.30 -13.18
CA ALA A 111 5.18 12.84 -12.03
C ALA A 111 6.54 13.41 -12.42
N GLN A 112 6.79 14.66 -12.02
CA GLN A 112 8.13 15.25 -11.94
C GLN A 112 8.81 14.99 -10.58
N PRO A 113 9.87 14.15 -10.55
CA PRO A 113 10.53 13.90 -9.27
C PRO A 113 11.09 15.17 -8.60
N SER A 114 10.96 15.23 -7.28
CA SER A 114 11.38 16.39 -6.50
C SER A 114 11.85 15.91 -5.13
N ARG A 115 12.09 16.83 -4.20
CA ARG A 115 12.41 16.43 -2.83
C ARG A 115 11.29 15.61 -2.16
N THR A 116 10.04 15.85 -2.57
CA THR A 116 8.87 15.20 -1.97
C THR A 116 8.26 14.09 -2.83
N ILE A 117 8.83 13.84 -4.02
CA ILE A 117 8.28 12.90 -5.01
C ILE A 117 9.44 12.14 -5.66
N GLN A 118 9.52 10.84 -5.40
CA GLN A 118 10.54 9.94 -5.99
C GLN A 118 9.90 8.60 -6.26
N THR A 119 10.50 7.79 -7.12
CA THR A 119 10.02 6.42 -7.36
C THR A 119 10.69 5.44 -6.40
N ILE A 120 10.06 4.28 -6.22
CA ILE A 120 10.61 3.19 -5.42
C ILE A 120 10.92 2.03 -6.35
N ALA A 121 12.04 1.37 -6.09
CA ALA A 121 12.47 0.20 -6.86
C ALA A 121 11.59 -1.01 -6.56
N LEU A 122 11.32 -1.79 -7.61
CA LEU A 122 10.70 -3.10 -7.46
C LEU A 122 11.79 -4.08 -7.08
N PRO A 123 11.44 -5.21 -6.42
CA PRO A 123 12.45 -6.23 -6.15
C PRO A 123 12.82 -6.99 -7.43
N SER A 124 13.88 -7.78 -7.36
CA SER A 124 14.18 -8.76 -8.40
C SER A 124 13.30 -9.97 -8.10
N MET A 125 12.98 -10.75 -9.14
CA MET A 125 11.94 -11.78 -9.03
C MET A 125 12.27 -12.81 -7.96
N TYR A 126 11.23 -13.22 -7.22
CA TYR A 126 11.33 -14.24 -6.18
C TYR A 126 12.45 -13.98 -5.14
N ASN A 127 12.82 -12.71 -4.96
CA ASN A 127 13.90 -12.31 -4.06
C ASN A 127 13.34 -11.40 -2.98
N ASP A 128 13.11 -11.96 -1.80
CA ASP A 128 12.63 -11.22 -0.63
C ASP A 128 13.63 -11.39 0.51
N PRO A 129 13.58 -10.49 1.51
CA PRO A 129 14.43 -10.68 2.69
C PRO A 129 14.01 -11.91 3.52
N GLN A 130 14.92 -12.39 4.36
CA GLN A 130 14.64 -13.53 5.23
C GLN A 130 13.68 -13.14 6.36
N PHE A 131 13.00 -14.13 6.92
CA PHE A 131 12.07 -13.88 8.03
C PHE A 131 12.82 -13.26 9.21
N GLY A 132 12.13 -12.38 9.92
CA GLY A 132 12.75 -11.57 10.96
C GLY A 132 13.39 -10.27 10.50
N THR A 133 13.44 -10.03 9.18
CA THR A 133 13.94 -8.77 8.65
C THR A 133 12.93 -7.67 9.00
N SER A 134 13.42 -6.52 9.46
CA SER A 134 12.58 -5.35 9.77
C SER A 134 12.32 -4.56 8.50
N CYS A 135 11.05 -4.26 8.25
CA CYS A 135 10.64 -3.43 7.11
C CYS A 135 9.72 -2.35 7.60
N GLU A 136 9.45 -1.36 6.75
CA GLU A 136 8.61 -0.24 7.14
C GLU A 136 7.32 -0.18 6.32
N ILE A 137 6.28 0.33 6.96
CA ILE A 137 4.97 0.51 6.33
C ILE A 137 4.51 1.94 6.57
N THR A 138 3.81 2.50 5.58
CA THR A 138 3.41 3.91 5.60
C THR A 138 1.95 4.04 5.16
N GLY A 139 1.23 4.96 5.79
CA GLY A 139 -0.14 5.24 5.40
C GLY A 139 -0.90 6.22 6.28
N PHE A 140 -2.09 6.56 5.78
CA PHE A 140 -3.06 7.43 6.45
C PHE A 140 -4.17 6.62 7.16
N GLY A 141 -3.97 5.31 7.34
CA GLY A 141 -5.01 4.45 7.92
C GLY A 141 -5.21 4.68 9.40
N LYS A 142 -6.18 3.99 9.98
CA LYS A 142 -6.60 4.22 11.36
C LYS A 142 -5.46 4.02 12.34
N GLU A 143 -5.47 4.79 13.41
CA GLU A 143 -4.55 4.68 14.52
C GLU A 143 -5.00 3.71 15.57
N GLN A 144 -6.27 3.35 15.52
CA GLN A 144 -6.86 2.33 16.35
C GLN A 144 -8.02 1.67 15.61
N SER A 145 -8.23 0.39 15.88
CA SER A 145 -9.23 -0.36 15.16
C SER A 145 -10.58 0.27 15.39
N THR A 146 -10.83 0.80 16.55
CA THR A 146 -12.13 1.38 16.86
C THR A 146 -12.34 2.81 16.34
N ASP A 147 -11.31 3.44 15.82
CA ASP A 147 -11.40 4.84 15.44
C ASP A 147 -12.39 5.02 14.33
N TYR A 148 -13.07 6.14 14.38
CA TYR A 148 -13.92 6.58 13.31
C TYR A 148 -13.18 7.41 12.28
N LEU A 149 -12.27 8.22 12.74
CA LEU A 149 -11.48 9.07 11.84
C LEU A 149 -10.17 8.41 11.44
N TYR A 150 -9.65 8.84 10.29
CA TYR A 150 -8.28 8.58 9.89
C TYR A 150 -7.42 9.74 10.40
N PRO A 151 -6.13 9.48 10.71
CA PRO A 151 -5.20 10.55 11.07
C PRO A 151 -5.04 11.56 9.95
N GLU A 152 -4.85 12.82 10.32
CA GLU A 152 -4.68 13.89 9.36
C GLU A 152 -3.23 13.94 8.86
N GLN A 153 -2.30 13.38 9.62
CA GLN A 153 -0.88 13.39 9.34
C GLN A 153 -0.42 11.97 9.00
N LEU A 154 0.41 11.86 7.97
CA LEU A 154 0.97 10.58 7.54
C LEU A 154 1.72 9.90 8.67
N LYS A 155 1.64 8.56 8.72
CA LYS A 155 2.35 7.77 9.71
C LYS A 155 3.20 6.67 9.05
N MET A 156 4.16 6.18 9.82
CA MET A 156 4.89 4.99 9.45
C MET A 156 5.32 4.20 10.69
N THR A 157 5.60 2.92 10.48
CA THR A 157 6.08 2.06 11.55
C THR A 157 6.96 0.98 10.98
N VAL A 158 7.50 0.15 11.87
CA VAL A 158 8.35 -0.98 11.51
C VAL A 158 7.63 -2.25 11.89
N VAL A 159 7.67 -3.24 11.00
CA VAL A 159 7.21 -4.60 11.29
C VAL A 159 8.25 -5.59 10.78
N LYS A 160 8.25 -6.79 11.34
CA LYS A 160 9.18 -7.84 10.95
C LYS A 160 8.49 -8.92 10.11
N LEU A 161 9.14 -9.29 9.01
CA LEU A 161 8.67 -10.36 8.12
C LEU A 161 8.57 -11.68 8.85
N ILE A 162 7.47 -12.39 8.59
CA ILE A 162 7.16 -13.67 9.20
C ILE A 162 7.23 -14.71 8.08
N SER A 163 7.69 -15.90 8.42
CA SER A 163 7.84 -17.00 7.47
C SER A 163 6.50 -17.50 7.01
N HIS A 164 6.44 -18.01 5.79
CA HIS A 164 5.21 -18.55 5.29
C HIS A 164 4.79 -19.67 6.20
N ARG A 165 5.74 -20.47 6.64
CA ARG A 165 5.42 -21.57 7.51
C ARG A 165 4.84 -21.14 8.82
N GLU A 166 5.37 -20.09 9.39
CA GLU A 166 4.79 -19.55 10.58
C GLU A 166 3.41 -18.94 10.31
N CYS A 167 3.28 -18.23 9.21
CA CYS A 167 2.02 -17.57 8.93
C CYS A 167 0.90 -18.55 8.66
N GLN A 168 1.21 -19.74 8.20
CA GLN A 168 0.20 -20.72 7.84
C GLN A 168 -0.26 -21.55 9.01
N GLN A 169 0.30 -21.35 10.18
CA GLN A 169 -0.19 -22.06 11.35
C GLN A 169 -1.63 -21.70 11.53
N PRO A 170 -2.40 -22.73 12.06
CA PRO A 170 -3.83 -22.44 12.10
C PRO A 170 -4.16 -21.29 12.98
N HIS A 171 -3.38 -21.19 14.04
CA HIS A 171 -3.50 -20.17 15.07
C HIS A 171 -3.28 -18.79 14.45
N TYR A 172 -2.46 -18.73 13.42
CA TYR A 172 -2.31 -17.54 12.64
C TYR A 172 -3.37 -17.50 11.55
N TYR A 173 -2.99 -17.70 10.30
CA TYR A 173 -3.96 -17.62 9.22
C TYR A 173 -4.31 -18.90 8.50
N GLY A 174 -3.72 -20.00 8.88
CA GLY A 174 -3.96 -21.25 8.20
C GLY A 174 -3.72 -21.17 6.71
N SER A 175 -4.65 -21.66 5.93
CA SER A 175 -4.48 -21.69 4.48
C SER A 175 -4.84 -20.40 3.77
N GLU A 176 -5.42 -19.46 4.50
CA GLU A 176 -5.77 -18.14 3.98
C GLU A 176 -4.56 -17.46 3.31
N VAL A 177 -3.37 -17.68 3.89
CA VAL A 177 -2.12 -17.15 3.33
C VAL A 177 -1.51 -18.09 2.27
N THR A 178 -1.24 -17.54 1.10
CA THR A 178 -0.59 -18.25 0.00
C THR A 178 0.86 -17.80 -0.12
N THR A 179 1.60 -18.43 -1.04
CA THR A 179 2.98 -18.04 -1.34
C THR A 179 3.10 -16.71 -2.11
N LYS A 180 1.99 -16.21 -2.65
CA LYS A 180 1.95 -14.86 -3.26
C LYS A 180 1.64 -13.74 -2.25
N MET A 181 1.55 -14.09 -0.96
CA MET A 181 1.37 -13.14 0.14
C MET A 181 2.56 -13.20 1.09
N LEU A 182 2.77 -12.10 1.82
CA LEU A 182 3.79 -12.02 2.87
C LEU A 182 3.11 -11.57 4.14
N CYS A 183 3.54 -12.15 5.27
CA CYS A 183 3.07 -11.72 6.58
C CYS A 183 4.13 -10.91 7.27
N ALA A 184 3.70 -9.92 8.05
CA ALA A 184 4.62 -9.10 8.84
C ALA A 184 3.92 -8.59 10.08
N ALA A 185 4.67 -8.47 11.17
CA ALA A 185 4.10 -8.08 12.46
C ALA A 185 5.17 -7.67 13.45
N ASP A 186 4.70 -7.05 14.53
CA ASP A 186 5.56 -6.64 15.63
C ASP A 186 5.66 -7.83 16.59
N PRO A 187 6.85 -8.09 17.18
CA PRO A 187 6.97 -9.17 18.19
C PRO A 187 5.99 -9.06 19.37
N GLN A 188 5.64 -7.83 19.75
CA GLN A 188 4.63 -7.57 20.79
C GLN A 188 3.21 -7.36 20.26
N TRP A 189 3.01 -7.45 18.95
CA TRP A 189 1.72 -7.15 18.28
C TRP A 189 1.24 -5.72 18.55
N LYS A 190 2.21 -4.84 18.79
CA LYS A 190 2.03 -3.48 19.32
C LYS A 190 1.77 -2.45 18.22
N THR A 191 2.26 -2.71 17.00
CA THR A 191 2.17 -1.79 15.88
C THR A 191 1.87 -2.57 14.59
N ASP A 192 1.14 -1.96 13.66
CA ASP A 192 0.57 -2.69 12.52
C ASP A 192 -0.04 -1.74 11.50
N SER A 193 -0.32 -2.26 10.31
CA SER A 193 -1.21 -1.61 9.36
C SER A 193 -2.68 -1.80 9.78
N CYS A 194 -3.55 -0.94 9.24
CA CYS A 194 -4.97 -1.04 9.53
C CYS A 194 -5.81 -0.54 8.37
N GLN A 195 -7.13 -0.52 8.56
CA GLN A 195 -8.06 0.04 7.57
C GLN A 195 -7.61 1.43 7.12
N GLY A 196 -7.60 1.64 5.81
CA GLY A 196 -7.08 2.87 5.21
C GLY A 196 -5.60 2.83 4.83
N ASP A 197 -4.84 1.90 5.38
CA ASP A 197 -3.47 1.66 4.91
C ASP A 197 -3.37 0.79 3.66
N SER A 198 -4.47 0.14 3.27
CA SER A 198 -4.49 -0.76 2.10
C SER A 198 -3.89 -0.09 0.88
N GLY A 199 -3.18 -0.87 0.07
CA GLY A 199 -2.55 -0.36 -1.14
C GLY A 199 -1.19 0.30 -0.95
N GLY A 200 -0.84 0.63 0.29
CA GLY A 200 0.40 1.33 0.58
C GLY A 200 1.61 0.42 0.66
N PRO A 201 2.80 1.02 0.79
CA PRO A 201 4.06 0.28 0.68
C PRO A 201 4.53 -0.45 1.95
N LEU A 202 5.02 -1.68 1.75
CA LEU A 202 5.91 -2.34 2.69
C LEU A 202 7.28 -2.28 2.04
N VAL A 203 8.20 -1.53 2.64
CA VAL A 203 9.51 -1.27 2.05
C VAL A 203 10.60 -1.93 2.89
N CYS A 204 11.46 -2.69 2.23
CA CYS A 204 12.61 -3.31 2.87
C CYS A 204 13.91 -2.90 2.17
N SER A 205 14.99 -2.91 2.93
CA SER A 205 16.32 -2.67 2.39
C SER A 205 16.84 -4.02 1.91
N LEU A 206 17.09 -4.15 0.60
CA LEU A 206 17.66 -5.35 0.03
C LEU A 206 18.88 -4.98 -0.75
N GLN A 207 20.03 -5.53 -0.39
CA GLN A 207 21.27 -5.22 -1.10
C GLN A 207 21.45 -3.71 -1.13
N GLY A 208 21.20 -3.11 0.01
CA GLY A 208 21.39 -1.71 0.22
C GLY A 208 20.51 -0.91 -0.65
N ARG A 209 19.38 -1.47 -1.02
CA ARG A 209 18.47 -0.65 -1.82
C ARG A 209 17.06 -0.72 -1.23
N MET A 210 16.38 0.42 -1.11
CA MET A 210 14.98 0.45 -0.65
C MET A 210 14.12 -0.14 -1.76
N THR A 211 13.36 -1.18 -1.39
CA THR A 211 12.63 -2.02 -2.34
C THR A 211 11.17 -2.17 -1.92
N LEU A 212 10.26 -2.01 -2.88
CA LEU A 212 8.84 -2.30 -2.64
C LEU A 212 8.60 -3.80 -2.55
N THR A 213 8.70 -4.32 -1.33
CA THR A 213 8.60 -5.75 -1.08
C THR A 213 7.14 -6.21 -0.98
N GLY A 214 6.27 -5.34 -0.47
CA GLY A 214 4.88 -5.70 -0.27
C GLY A 214 3.93 -4.53 -0.43
N ILE A 215 2.66 -4.87 -0.62
CA ILE A 215 1.56 -3.90 -0.71
C ILE A 215 0.54 -4.29 0.34
N VAL A 216 0.14 -3.34 1.21
CA VAL A 216 -0.79 -3.64 2.31
C VAL A 216 -2.07 -4.23 1.70
N SER A 217 -2.50 -5.40 2.19
CA SER A 217 -3.65 -6.11 1.61
C SER A 217 -4.76 -6.38 2.61
N TRP A 218 -4.48 -7.18 3.64
CA TRP A 218 -5.51 -7.51 4.62
C TRP A 218 -4.98 -7.95 5.98
N GLY A 219 -5.85 -8.05 6.96
CA GLY A 219 -5.58 -8.69 8.21
C GLY A 219 -6.83 -8.87 9.04
N ARG A 220 -6.79 -9.68 10.07
CA ARG A 220 -7.93 -9.81 10.96
C ARG A 220 -7.64 -8.85 12.08
N GLY A 221 -8.48 -7.84 12.23
CA GLY A 221 -8.28 -6.81 13.20
C GLY A 221 -7.03 -6.00 12.86
N CYS A 222 -6.51 -5.27 13.80
CA CYS A 222 -5.26 -4.59 13.63
C CYS A 222 -4.42 -4.72 14.90
N ALA A 223 -3.15 -5.03 14.80
CA ALA A 223 -2.31 -5.17 15.98
C ALA A 223 -2.99 -6.10 17.00
N LEU A 224 -3.53 -7.22 16.51
CA LEU A 224 -4.12 -8.28 17.31
C LEU A 224 -3.10 -9.39 17.44
N LYS A 225 -2.99 -9.99 18.62
CA LYS A 225 -2.10 -11.14 18.83
C LYS A 225 -2.42 -12.29 17.86
N ASP A 226 -1.37 -12.90 17.32
CA ASP A 226 -1.42 -13.97 16.32
C ASP A 226 -2.10 -13.64 14.98
N LYS A 227 -2.26 -12.36 14.67
CA LYS A 227 -2.93 -11.95 13.44
C LYS A 227 -2.06 -10.91 12.75
N PRO A 228 -1.04 -11.37 12.01
CA PRO A 228 -0.16 -10.41 11.34
C PRO A 228 -0.85 -9.61 10.23
N GLY A 229 -0.17 -8.56 9.76
CA GLY A 229 -0.60 -7.89 8.55
C GLY A 229 -0.22 -8.75 7.38
N VAL A 230 -1.07 -8.74 6.35
CA VAL A 230 -0.84 -9.53 5.15
C VAL A 230 -0.69 -8.59 3.94
N TYR A 231 0.30 -8.92 3.12
CA TYR A 231 0.80 -8.05 2.09
C TYR A 231 0.90 -8.82 0.79
N THR A 232 0.61 -8.17 -0.32
CA THR A 232 0.80 -8.76 -1.64
C THR A 232 2.31 -8.85 -1.86
N ARG A 233 2.79 -10.04 -2.21
CA ARG A 233 4.22 -10.28 -2.38
C ARG A 233 4.64 -9.82 -3.78
N VAL A 234 5.18 -8.60 -3.85
CA VAL A 234 5.47 -7.91 -5.13
C VAL A 234 6.44 -8.71 -6.02
N SER A 235 7.41 -9.39 -5.41
CA SER A 235 8.38 -10.20 -6.18
C SER A 235 7.79 -11.37 -6.98
N HIS A 236 6.55 -11.78 -6.67
CA HIS A 236 5.81 -12.81 -7.41
C HIS A 236 4.86 -12.26 -8.50
N PHE A 237 4.91 -10.96 -8.78
CA PHE A 237 4.03 -10.33 -9.78
C PHE A 237 4.76 -9.50 -10.83
N LEU A 238 6.08 -9.66 -10.95
CA LEU A 238 6.86 -8.79 -11.86
C LEU A 238 6.46 -8.93 -13.35
N PRO A 239 6.16 -10.16 -13.81
CA PRO A 239 5.68 -10.29 -15.20
C PRO A 239 4.37 -9.51 -15.42
N TRP A 240 3.43 -9.67 -14.50
CA TRP A 240 2.15 -8.96 -14.54
C TRP A 240 2.37 -7.46 -14.56
N ILE A 241 3.26 -6.96 -13.69
CA ILE A 241 3.60 -5.54 -13.66
C ILE A 241 4.26 -5.11 -14.97
N ARG A 242 5.27 -5.85 -15.40
CA ARG A 242 6.00 -5.51 -16.64
C ARG A 242 5.08 -5.50 -17.86
N SER A 243 4.25 -6.54 -17.99
CA SER A 243 3.33 -6.63 -19.13
C SER A 243 2.38 -5.44 -19.15
N HIS A 244 1.78 -5.11 -18.01
CA HIS A 244 0.77 -4.04 -17.96
C HIS A 244 1.34 -2.61 -17.93
N THR A 245 2.66 -2.46 -17.80
CA THR A 245 3.33 -1.17 -17.92
C THR A 245 4.21 -1.17 -19.15
#